data_4AT4
#
_entry.id   4AT4
#
_cell.length_a   88.080
_cell.length_b   95.360
_cell.length_c   46.060
_cell.angle_alpha   90.00
_cell.angle_beta   90.00
_cell.angle_gamma   90.00
#
_symmetry.space_group_name_H-M   'P 21 21 2'
#
loop_
_entity.id
_entity.type
_entity.pdbx_description
1 polymer 'BDNF/NT-3 GROWTH FACTORS RECEPTOR'
2 non-polymer 1-[4-(4-aminothieno[2,3-d]pyrimidin-5-yl)phenyl]-3-[2-fluoro-5-(trifluoromethyl)phenyl]urea
3 water water
#
_entity_poly.entity_id   1
_entity_poly.type   'polypeptide(L)'
_entity_poly.pdbx_seq_one_letter_code
;GAMDTFVQHIKRHNIVLKRELGEGAFGKVFLAECYNLCPEQDKILVAVKTLKDASDNARKDFHREAELLTNLQHEHIVKF
YGVCVEGDPLIMVFEYMKHGDLNKFLRAHGPDAVLMAEGNPPTELTQSQMLHIAQQIAAGMVYLASQHFVHRDLATRNCL
VGENLLVKIGDFGMSRDVYSTDYYRVGGHTMLPIRWMPPESIMYRKFTTESDVWSLGVVLWEIFTYGKQPWYQLSNNEVI
ECITQGRVLQRPRTCPQEVYELMLGCWQREPHMRKNIKGIHTLLQNLAKASPVYLDILG
;
_entity_poly.pdbx_strand_id   A
#
# COMPACT_ATOMS: atom_id res chain seq x y z
N GLY A 1 0.25 -20.52 9.16
CA GLY A 1 0.58 -21.93 8.99
C GLY A 1 -0.03 -22.55 7.76
N ALA A 2 0.02 -23.90 7.67
CA ALA A 2 -0.50 -24.70 6.55
C ALA A 2 -2.02 -24.57 6.35
N MET A 3 -2.77 -24.30 7.44
CA MET A 3 -4.23 -24.14 7.42
C MET A 3 -4.69 -22.89 6.64
N ASP A 4 -3.79 -21.87 6.52
CA ASP A 4 -4.07 -20.63 5.80
C ASP A 4 -4.24 -20.82 4.29
N THR A 5 -3.78 -21.97 3.73
CA THR A 5 -3.89 -22.33 2.32
C THR A 5 -5.36 -22.54 1.92
N PHE A 6 -6.22 -22.89 2.90
CA PHE A 6 -7.64 -23.17 2.69
C PHE A 6 -8.50 -21.98 3.06
N VAL A 7 -9.27 -21.47 2.07
CA VAL A 7 -10.15 -20.31 2.18
C VAL A 7 -11.24 -20.51 3.24
N GLN A 8 -11.31 -19.56 4.19
CA GLN A 8 -12.31 -19.54 5.26
C GLN A 8 -13.62 -19.02 4.68
N HIS A 9 -14.71 -19.79 4.85
CA HIS A 9 -16.03 -19.41 4.36
C HIS A 9 -16.89 -18.85 5.47
N ILE A 10 -17.49 -17.68 5.24
CA ILE A 10 -18.31 -16.95 6.22
C ILE A 10 -19.79 -17.01 5.82
N LYS A 11 -20.67 -17.24 6.81
CA LYS A 11 -22.13 -17.31 6.63
C LYS A 11 -22.68 -15.90 6.37
N ARG A 12 -23.64 -15.79 5.43
CA ARG A 12 -24.27 -14.54 5.01
C ARG A 12 -24.89 -13.70 6.13
N HIS A 13 -25.60 -14.37 7.06
CA HIS A 13 -26.26 -13.72 8.21
C HIS A 13 -25.30 -13.08 9.22
N ASN A 14 -24.00 -13.39 9.12
CA ASN A 14 -22.95 -12.85 9.97
C ASN A 14 -22.36 -11.54 9.43
N ILE A 15 -22.75 -11.13 8.21
CA ILE A 15 -22.30 -9.89 7.57
C ILE A 15 -23.45 -8.88 7.54
N VAL A 16 -23.25 -7.73 8.20
CA VAL A 16 -24.23 -6.65 8.27
C VAL A 16 -23.65 -5.41 7.55
N LEU A 17 -24.08 -5.19 6.29
CA LEU A 17 -23.63 -4.05 5.47
C LEU A 17 -24.09 -2.72 6.07
N LYS A 18 -23.16 -1.75 6.23
CA LYS A 18 -23.45 -0.46 6.84
C LYS A 18 -23.36 0.76 5.92
N ARG A 19 -22.22 0.93 5.22
CA ARG A 19 -21.98 2.08 4.33
C ARG A 19 -21.32 1.66 3.03
N GLU A 20 -21.75 2.23 1.89
CA GLU A 20 -21.13 1.97 0.60
C GLU A 20 -19.91 2.89 0.49
N LEU A 21 -18.70 2.30 0.64
CA LEU A 21 -17.43 3.05 0.63
C LEU A 21 -16.99 3.53 -0.76
N GLY A 22 -17.38 2.80 -1.80
CA GLY A 22 -17.05 3.15 -3.18
C GLY A 22 -17.26 2.03 -4.17
N GLU A 23 -16.67 2.19 -5.38
CA GLU A 23 -16.77 1.21 -6.46
C GLU A 23 -15.38 0.88 -7.02
N GLY A 24 -15.14 -0.41 -7.24
CA GLY A 24 -13.87 -0.92 -7.75
C GLY A 24 -13.95 -1.56 -9.12
N ALA A 25 -12.92 -2.36 -9.45
CA ALA A 25 -12.78 -3.05 -10.73
C ALA A 25 -13.86 -4.10 -11.02
N PHE A 26 -14.22 -4.93 -10.03
CA PHE A 26 -15.22 -5.98 -10.20
C PHE A 26 -16.58 -5.73 -9.52
N GLY A 27 -16.66 -4.73 -8.66
CA GLY A 27 -17.89 -4.39 -7.95
C GLY A 27 -17.77 -3.30 -6.89
N LYS A 28 -18.78 -3.22 -6.03
CA LYS A 28 -18.87 -2.24 -4.94
C LYS A 28 -18.08 -2.64 -3.70
N VAL A 29 -17.65 -1.64 -2.90
CA VAL A 29 -16.91 -1.82 -1.64
C VAL A 29 -17.78 -1.26 -0.51
N PHE A 30 -17.92 -2.02 0.59
CA PHE A 30 -18.75 -1.63 1.73
C PHE A 30 -18.05 -1.74 3.08
N LEU A 31 -18.50 -0.91 4.04
CA LEU A 31 -18.09 -1.00 5.43
C LEU A 31 -19.17 -1.88 6.06
N ALA A 32 -18.78 -2.95 6.75
CA ALA A 32 -19.72 -3.89 7.34
C ALA A 32 -19.32 -4.36 8.74
N GLU A 33 -20.22 -5.10 9.40
CA GLU A 33 -20.00 -5.70 10.72
C GLU A 33 -19.98 -7.21 10.55
N CYS A 34 -18.92 -7.87 11.03
CA CYS A 34 -18.81 -9.32 10.95
C CYS A 34 -18.88 -9.96 12.33
N TYR A 35 -19.84 -10.89 12.50
CA TYR A 35 -20.11 -11.59 13.75
C TYR A 35 -19.58 -13.03 13.71
N ASN A 36 -19.24 -13.58 14.89
CA ASN A 36 -18.73 -14.94 15.11
C ASN A 36 -17.52 -15.28 14.21
N LEU A 37 -16.57 -14.33 14.11
CA LEU A 37 -15.38 -14.44 13.28
C LEU A 37 -14.11 -14.58 14.13
N CYS A 38 -13.65 -13.47 14.77
CA CYS A 38 -12.46 -13.37 15.62
C CYS A 38 -11.18 -13.88 14.96
N LYS A 43 -18.05 -8.95 17.88
CA LYS A 43 -18.12 -8.38 16.54
C LYS A 43 -16.96 -7.43 16.22
N ILE A 44 -16.58 -7.36 14.94
CA ILE A 44 -15.51 -6.50 14.42
C ILE A 44 -15.95 -5.79 13.14
N LEU A 45 -15.38 -4.60 12.88
CA LEU A 45 -15.68 -3.84 11.66
C LEU A 45 -14.87 -4.43 10.51
N VAL A 46 -15.50 -4.59 9.35
CA VAL A 46 -14.88 -5.18 8.17
C VAL A 46 -15.08 -4.34 6.90
N ALA A 47 -14.11 -4.42 5.98
CA ALA A 47 -14.16 -3.76 4.67
C ALA A 47 -14.44 -4.89 3.68
N VAL A 48 -15.65 -4.88 3.10
CA VAL A 48 -16.09 -5.94 2.18
C VAL A 48 -16.20 -5.52 0.72
N LYS A 49 -15.80 -6.43 -0.19
CA LYS A 49 -15.85 -6.22 -1.65
C LYS A 49 -16.87 -7.20 -2.25
N THR A 50 -17.82 -6.68 -3.06
CA THR A 50 -18.89 -7.49 -3.67
C THR A 50 -18.69 -7.80 -5.16
N LEU A 51 -19.29 -8.92 -5.61
CA LEU A 51 -19.27 -9.39 -7.00
C LEU A 51 -20.71 -9.82 -7.36
N LYS A 52 -21.47 -8.92 -8.00
CA LYS A 52 -22.87 -9.10 -8.37
C LYS A 52 -23.05 -9.66 -9.79
N ASP A 53 -23.93 -10.68 -9.91
CA ASP A 53 -24.33 -11.38 -11.15
C ASP A 53 -23.21 -11.50 -12.19
N ALA A 54 -22.14 -12.22 -11.81
CA ALA A 54 -20.95 -12.42 -12.64
C ALA A 54 -20.93 -13.77 -13.35
N SER A 55 -20.10 -13.88 -14.42
CA SER A 55 -19.94 -15.10 -15.22
C SER A 55 -19.15 -16.17 -14.45
N ASP A 56 -19.12 -17.41 -14.98
CA ASP A 56 -18.41 -18.57 -14.41
C ASP A 56 -16.91 -18.29 -14.26
N ASN A 57 -16.30 -17.64 -15.27
CA ASN A 57 -14.87 -17.28 -15.28
C ASN A 57 -14.58 -16.18 -14.25
N ALA A 58 -15.52 -15.22 -14.08
CA ALA A 58 -15.39 -14.12 -13.12
C ALA A 58 -15.51 -14.63 -11.68
N ARG A 59 -16.37 -15.64 -11.45
CA ARG A 59 -16.55 -16.30 -10.14
C ARG A 59 -15.32 -17.17 -9.86
N LYS A 60 -14.72 -17.73 -10.94
CA LYS A 60 -13.50 -18.56 -10.91
C LYS A 60 -12.30 -17.68 -10.49
N ASP A 61 -12.26 -16.42 -10.97
CA ASP A 61 -11.22 -15.44 -10.65
C ASP A 61 -11.35 -14.97 -9.20
N PHE A 62 -12.60 -14.83 -8.70
CA PHE A 62 -12.92 -14.43 -7.32
C PHE A 62 -12.35 -15.46 -6.34
N HIS A 63 -12.57 -16.76 -6.63
CA HIS A 63 -12.07 -17.87 -5.82
C HIS A 63 -10.56 -17.99 -5.91
N ARG A 64 -9.98 -17.67 -7.09
CA ARG A 64 -8.53 -17.66 -7.36
C ARG A 64 -7.86 -16.56 -6.54
N GLU A 65 -8.49 -15.35 -6.50
CA GLU A 65 -8.03 -14.19 -5.73
C GLU A 65 -8.09 -14.53 -4.22
N ALA A 66 -9.18 -15.20 -3.80
CA ALA A 66 -9.41 -15.65 -2.43
C ALA A 66 -8.33 -16.65 -2.01
N GLU A 67 -7.97 -17.59 -2.92
CA GLU A 67 -6.94 -18.60 -2.71
C GLU A 67 -5.53 -18.00 -2.58
N LEU A 68 -5.30 -16.84 -3.21
CA LEU A 68 -4.04 -16.12 -3.15
C LEU A 68 -3.92 -15.35 -1.83
N LEU A 69 -4.96 -14.57 -1.48
CA LEU A 69 -5.01 -13.74 -0.27
C LEU A 69 -5.13 -14.49 1.04
N THR A 70 -5.70 -15.72 1.02
CA THR A 70 -5.84 -16.57 2.21
C THR A 70 -4.49 -16.98 2.78
N ASN A 71 -3.51 -17.26 1.91
CA ASN A 71 -2.15 -17.68 2.29
C ASN A 71 -1.23 -16.48 2.56
N LEU A 72 -1.62 -15.28 2.07
CA LEU A 72 -0.89 -14.03 2.27
C LEU A 72 -1.28 -13.43 3.62
N GLN A 73 -0.69 -13.97 4.71
CA GLN A 73 -0.97 -13.57 6.10
C GLN A 73 0.30 -13.09 6.79
N HIS A 74 0.29 -11.82 7.24
CA HIS A 74 1.42 -11.18 7.94
C HIS A 74 0.94 -10.01 8.81
N GLU A 75 1.77 -9.63 9.79
CA GLU A 75 1.55 -8.53 10.73
C GLU A 75 1.37 -7.18 10.02
N HIS A 76 2.05 -6.98 8.88
CA HIS A 76 1.99 -5.73 8.12
C HIS A 76 1.39 -5.85 6.71
N ILE A 77 0.45 -6.80 6.58
CA ILE A 77 -0.33 -7.05 5.37
C ILE A 77 -1.79 -7.02 5.83
N VAL A 78 -2.63 -6.20 5.17
CA VAL A 78 -4.06 -6.06 5.50
C VAL A 78 -4.73 -7.44 5.59
N LYS A 79 -5.33 -7.73 6.76
CA LYS A 79 -5.96 -9.01 7.07
C LYS A 79 -7.14 -9.34 6.16
N PHE A 80 -7.04 -10.49 5.48
CA PHE A 80 -8.09 -11.07 4.64
C PHE A 80 -8.70 -12.18 5.49
N TYR A 81 -9.99 -12.01 5.88
CA TYR A 81 -10.70 -12.96 6.74
C TYR A 81 -11.34 -14.14 6.00
N GLY A 82 -11.79 -13.90 4.78
CA GLY A 82 -12.42 -14.94 3.98
C GLY A 82 -13.46 -14.44 3.00
N VAL A 83 -14.31 -15.37 2.52
CA VAL A 83 -15.36 -15.09 1.54
C VAL A 83 -16.74 -15.63 1.92
N CYS A 84 -17.79 -15.03 1.35
CA CYS A 84 -19.18 -15.47 1.49
C CYS A 84 -19.71 -15.72 0.09
N VAL A 85 -19.91 -17.00 -0.26
CA VAL A 85 -20.38 -17.40 -1.59
C VAL A 85 -21.83 -17.93 -1.58
N GLU A 86 -22.50 -17.80 -0.41
CA GLU A 86 -23.89 -18.21 -0.19
C GLU A 86 -24.79 -17.16 -0.87
N GLY A 87 -25.20 -17.46 -2.10
CA GLY A 87 -26.04 -16.58 -2.91
C GLY A 87 -25.28 -15.44 -3.55
N ASP A 88 -26.03 -14.50 -4.14
CA ASP A 88 -25.47 -13.33 -4.82
C ASP A 88 -25.81 -12.03 -4.04
N PRO A 89 -24.87 -11.06 -3.90
CA PRO A 89 -23.50 -11.02 -4.45
C PRO A 89 -22.45 -11.75 -3.62
N LEU A 90 -21.35 -12.16 -4.28
CA LEU A 90 -20.22 -12.83 -3.66
C LEU A 90 -19.45 -11.78 -2.85
N ILE A 91 -19.23 -12.04 -1.55
CA ILE A 91 -18.58 -11.12 -0.63
C ILE A 91 -17.15 -11.54 -0.28
N MET A 92 -16.20 -10.60 -0.38
CA MET A 92 -14.80 -10.78 -0.02
C MET A 92 -14.56 -9.96 1.25
N VAL A 93 -14.14 -10.62 2.36
CA VAL A 93 -13.98 -10.00 3.68
C VAL A 93 -12.52 -9.65 4.06
N PHE A 94 -12.30 -8.35 4.36
CA PHE A 94 -11.02 -7.78 4.80
C PHE A 94 -11.26 -6.98 6.08
N GLU A 95 -10.21 -6.72 6.87
CA GLU A 95 -10.35 -5.92 8.09
C GLU A 95 -10.58 -4.44 7.74
N TYR A 96 -11.31 -3.71 8.59
CA TYR A 96 -11.56 -2.29 8.38
C TYR A 96 -10.54 -1.49 9.18
N MET A 97 -9.74 -0.70 8.48
CA MET A 97 -8.72 0.15 9.11
C MET A 97 -9.36 1.52 9.29
N LYS A 98 -9.73 1.81 10.56
CA LYS A 98 -10.43 3.03 11.01
C LYS A 98 -9.75 4.34 10.57
N HIS A 99 -8.42 4.41 10.64
CA HIS A 99 -7.67 5.62 10.28
C HIS A 99 -7.41 5.87 8.79
N GLY A 100 -7.90 4.98 7.92
CA GLY A 100 -7.79 5.09 6.48
C GLY A 100 -6.41 4.91 5.89
N ASP A 101 -6.23 5.34 4.63
CA ASP A 101 -4.97 5.23 3.89
C ASP A 101 -3.84 6.09 4.45
N LEU A 102 -2.60 5.61 4.31
CA LEU A 102 -1.39 6.26 4.80
C LEU A 102 -1.10 7.65 4.19
N ASN A 103 -1.37 7.84 2.88
CA ASN A 103 -1.14 9.13 2.24
C ASN A 103 -1.97 10.25 2.88
N LYS A 104 -3.25 9.97 3.17
CA LYS A 104 -4.17 10.91 3.83
C LYS A 104 -3.68 11.20 5.25
N PHE A 105 -3.13 10.17 5.94
CA PHE A 105 -2.59 10.27 7.29
C PHE A 105 -1.33 11.16 7.32
N LEU A 106 -0.40 10.94 6.36
CA LEU A 106 0.84 11.72 6.25
C LEU A 106 0.55 13.20 6.01
N ARG A 107 -0.41 13.50 5.11
CA ARG A 107 -0.84 14.86 4.76
C ARG A 107 -1.54 15.55 5.94
N ALA A 108 -2.30 14.79 6.75
CA ALA A 108 -3.02 15.28 7.93
C ALA A 108 -2.06 15.65 9.08
N HIS A 109 -0.82 15.15 9.03
CA HIS A 109 0.21 15.41 10.04
C HIS A 109 1.42 16.18 9.47
N GLY A 110 1.18 16.89 8.36
CA GLY A 110 2.18 17.71 7.69
C GLY A 110 2.25 19.14 8.20
N PRO A 111 3.36 19.88 7.94
CA PRO A 111 3.47 21.28 8.42
C PRO A 111 2.33 22.20 7.99
N ASP A 112 1.81 22.00 6.76
CA ASP A 112 0.68 22.77 6.23
C ASP A 112 -0.59 22.51 7.05
N ALA A 113 -0.92 21.23 7.30
CA ALA A 113 -2.09 20.81 8.08
C ALA A 113 -2.10 21.38 9.51
N VAL A 114 -0.91 21.45 10.15
CA VAL A 114 -0.71 22.00 11.50
C VAL A 114 -0.99 23.52 11.46
N LEU A 115 -0.52 24.19 10.39
CA LEU A 115 -0.67 25.62 10.16
C LEU A 115 -2.10 26.03 9.75
N MET A 116 -2.81 25.19 8.98
CA MET A 116 -4.18 25.47 8.50
C MET A 116 -5.28 25.25 9.55
N ALA A 117 -4.98 24.55 10.65
CA ALA A 117 -5.93 24.25 11.72
C ALA A 117 -6.36 25.49 12.51
N PRO A 121 -5.70 21.41 16.68
CA PRO A 121 -4.51 21.35 15.82
C PRO A 121 -3.80 20.00 15.85
N PRO A 122 -3.48 19.39 14.68
CA PRO A 122 -2.78 18.09 14.71
C PRO A 122 -1.30 18.24 15.00
N THR A 123 -0.64 17.14 15.42
CA THR A 123 0.80 17.13 15.69
C THR A 123 1.54 16.87 14.39
N GLU A 124 2.71 17.53 14.22
CA GLU A 124 3.55 17.32 13.06
C GLU A 124 4.22 15.95 13.20
N LEU A 125 4.19 15.13 12.13
CA LEU A 125 4.78 13.79 12.13
C LEU A 125 6.30 13.91 12.28
N THR A 126 6.82 13.33 13.36
CA THR A 126 8.25 13.37 13.70
C THR A 126 9.06 12.37 12.87
N GLN A 127 10.40 12.55 12.85
CA GLN A 127 11.36 11.68 12.16
C GLN A 127 11.30 10.25 12.75
N SER A 128 11.09 10.13 14.07
CA SER A 128 10.96 8.87 14.79
C SER A 128 9.71 8.11 14.32
N GLN A 129 8.58 8.83 14.15
CA GLN A 129 7.30 8.29 13.67
C GLN A 129 7.41 7.88 12.21
N MET A 130 8.19 8.65 11.42
CA MET A 130 8.46 8.40 10.00
C MET A 130 9.22 7.08 9.82
N LEU A 131 10.25 6.86 10.67
CA LEU A 131 11.07 5.63 10.68
C LEU A 131 10.25 4.41 11.08
N HIS A 132 9.31 4.58 12.03
CA HIS A 132 8.42 3.51 12.51
C HIS A 132 7.43 3.07 11.42
N ILE A 133 6.96 4.02 10.60
CA ILE A 133 6.06 3.75 9.47
C ILE A 133 6.84 3.02 8.36
N ALA A 134 8.06 3.50 8.06
CA ALA A 134 8.99 2.97 7.05
C ALA A 134 9.38 1.51 7.27
N GLN A 135 9.77 1.15 8.51
CA GLN A 135 10.18 -0.22 8.86
C GLN A 135 9.04 -1.25 8.78
N GLN A 136 7.79 -0.81 9.01
CA GLN A 136 6.59 -1.65 8.94
C GLN A 136 6.26 -2.04 7.50
N ILE A 137 6.36 -1.07 6.56
CA ILE A 137 6.13 -1.30 5.12
C ILE A 137 7.24 -2.19 4.58
N ALA A 138 8.50 -1.94 4.99
CA ALA A 138 9.67 -2.74 4.58
C ALA A 138 9.53 -4.19 5.06
N ALA A 139 8.99 -4.41 6.28
CA ALA A 139 8.74 -5.73 6.86
C ALA A 139 7.70 -6.50 6.07
N GLY A 140 6.63 -5.81 5.66
CA GLY A 140 5.55 -6.36 4.85
C GLY A 140 6.02 -6.73 3.46
N MET A 141 6.95 -5.94 2.89
CA MET A 141 7.54 -6.17 1.57
C MET A 141 8.51 -7.37 1.60
N VAL A 142 9.19 -7.59 2.75
CA VAL A 142 10.09 -8.73 2.98
C VAL A 142 9.23 -10.02 2.88
N TYR A 143 8.05 -10.01 3.52
CA TYR A 143 7.10 -11.12 3.52
C TYR A 143 6.60 -11.43 2.11
N LEU A 144 6.18 -10.39 1.35
CA LEU A 144 5.69 -10.54 -0.03
C LEU A 144 6.74 -11.15 -0.96
N ALA A 145 8.02 -10.74 -0.79
CA ALA A 145 9.15 -11.25 -1.56
C ALA A 145 9.41 -12.73 -1.24
N SER A 146 9.23 -13.14 0.03
CA SER A 146 9.39 -14.52 0.48
C SER A 146 8.27 -15.43 -0.06
N GLN A 147 7.12 -14.84 -0.41
CA GLN A 147 5.95 -15.53 -0.96
C GLN A 147 5.91 -15.41 -2.49
N HIS A 148 6.95 -14.80 -3.09
CA HIS A 148 7.14 -14.57 -4.53
C HIS A 148 6.00 -13.75 -5.14
N PHE A 149 5.47 -12.79 -4.36
CA PHE A 149 4.38 -11.91 -4.77
C PHE A 149 4.92 -10.53 -5.16
N VAL A 150 4.53 -10.09 -6.37
CA VAL A 150 4.88 -8.79 -6.93
C VAL A 150 3.64 -7.90 -6.77
N HIS A 151 3.77 -6.90 -5.91
CA HIS A 151 2.68 -6.02 -5.63
C HIS A 151 2.26 -5.15 -6.81
N ARG A 152 3.21 -4.50 -7.45
CA ARG A 152 3.03 -3.68 -8.64
C ARG A 152 2.46 -2.28 -8.43
N ASP A 153 1.94 -1.99 -7.26
CA ASP A 153 1.37 -0.68 -6.98
C ASP A 153 1.71 -0.18 -5.56
N LEU A 154 2.93 -0.39 -5.13
CA LEU A 154 3.33 0.05 -3.79
C LEU A 154 3.45 1.57 -3.74
N ALA A 155 2.59 2.18 -2.92
CA ALA A 155 2.47 3.62 -2.68
C ALA A 155 1.76 3.81 -1.33
N THR A 156 1.94 4.99 -0.68
CA THR A 156 1.31 5.28 0.62
C THR A 156 -0.22 5.26 0.56
N ARG A 157 -0.81 5.61 -0.61
CA ARG A 157 -2.26 5.58 -0.86
C ARG A 157 -2.83 4.15 -0.76
N ASN A 158 -1.96 3.12 -0.96
CA ASN A 158 -2.32 1.71 -0.88
C ASN A 158 -1.99 1.09 0.47
N CYS A 159 -1.34 1.86 1.37
CA CYS A 159 -1.02 1.43 2.72
C CYS A 159 -2.11 1.92 3.66
N LEU A 160 -2.38 1.17 4.75
CA LEU A 160 -3.43 1.52 5.69
C LEU A 160 -2.91 1.69 7.12
N VAL A 161 -3.48 2.68 7.84
CA VAL A 161 -3.11 3.01 9.21
C VAL A 161 -4.15 2.48 10.20
N GLY A 162 -3.68 1.74 11.20
CA GLY A 162 -4.49 1.19 12.27
C GLY A 162 -4.24 1.91 13.57
N GLU A 163 -4.46 1.23 14.71
CA GLU A 163 -4.24 1.79 16.04
C GLU A 163 -2.76 1.78 16.40
N ASN A 164 -2.32 2.75 17.23
CA ASN A 164 -0.96 2.90 17.76
C ASN A 164 0.13 2.93 16.67
N LEU A 165 -0.11 3.72 15.59
CA LEU A 165 0.79 3.90 14.43
C LEU A 165 1.10 2.58 13.68
N LEU A 166 0.15 1.62 13.70
CA LEU A 166 0.28 0.34 13.00
C LEU A 166 0.02 0.57 11.51
N VAL A 167 0.96 0.13 10.67
CA VAL A 167 0.88 0.30 9.21
C VAL A 167 0.86 -1.08 8.52
N LYS A 168 -0.07 -1.26 7.57
CA LYS A 168 -0.23 -2.48 6.79
C LYS A 168 -0.31 -2.17 5.30
N ILE A 169 0.24 -3.05 4.45
CA ILE A 169 0.21 -2.90 2.99
C ILE A 169 -1.06 -3.55 2.44
N GLY A 170 -1.69 -2.85 1.51
CA GLY A 170 -2.88 -3.30 0.82
C GLY A 170 -2.81 -2.97 -0.66
N ASP A 171 -3.90 -3.24 -1.37
CA ASP A 171 -4.07 -2.95 -2.79
C ASP A 171 -5.55 -2.72 -2.97
N PHE A 172 -5.96 -1.44 -2.83
CA PHE A 172 -7.35 -0.98 -2.88
C PHE A 172 -8.19 -1.53 -4.03
N GLY A 173 -7.72 -1.39 -5.27
CA GLY A 173 -8.43 -1.83 -6.46
C GLY A 173 -9.81 -1.21 -6.56
N MET A 174 -9.92 0.02 -6.02
CA MET A 174 -11.12 0.84 -5.89
C MET A 174 -10.85 2.20 -6.55
N SER A 175 -11.83 2.72 -7.31
CA SER A 175 -11.69 4.01 -7.99
C SER A 175 -11.74 5.19 -7.01
N ARG A 176 -10.60 5.86 -6.82
CA ARG A 176 -10.47 7.00 -5.92
C ARG A 176 -9.99 8.20 -6.73
N ASP A 177 -10.91 9.14 -7.02
CA ASP A 177 -10.68 10.35 -7.83
C ASP A 177 -9.54 11.23 -7.35
N VAL A 178 -9.28 11.24 -6.03
CA VAL A 178 -8.21 12.01 -5.40
C VAL A 178 -6.80 11.49 -5.81
N TYR A 179 -6.71 10.22 -6.26
CA TYR A 179 -5.47 9.58 -6.68
C TYR A 179 -5.43 9.28 -8.19
N SER A 180 -6.36 9.85 -8.98
CA SER A 180 -6.42 9.67 -10.44
C SER A 180 -5.18 10.25 -11.14
N THR A 181 -4.60 11.32 -10.54
CA THR A 181 -3.40 12.00 -11.02
C THR A 181 -2.12 11.16 -10.83
N ASP A 182 -2.18 10.13 -9.96
CA ASP A 182 -1.06 9.22 -9.66
C ASP A 182 -0.92 8.10 -10.71
N TYR A 183 -1.80 8.06 -11.72
CA TYR A 183 -1.78 7.05 -12.78
C TYR A 183 -1.70 7.69 -14.16
N TYR A 184 -0.97 7.03 -15.07
CA TYR A 184 -0.76 7.48 -16.44
C TYR A 184 -1.05 6.34 -17.41
N ARG A 185 -1.75 6.65 -18.53
CA ARG A 185 -2.07 5.66 -19.55
C ARG A 185 -0.85 5.37 -20.41
N VAL A 186 -0.02 4.42 -19.96
CA VAL A 186 1.22 3.99 -20.61
C VAL A 186 0.93 3.34 -21.96
N GLY A 187 1.47 3.95 -23.02
CA GLY A 187 1.29 3.50 -24.40
C GLY A 187 -0.14 3.58 -24.92
N GLY A 188 -1.00 4.26 -24.15
CA GLY A 188 -2.42 4.41 -24.43
C GLY A 188 -3.21 3.16 -24.12
N HIS A 189 -2.63 2.23 -23.34
CA HIS A 189 -3.26 0.95 -22.99
C HIS A 189 -3.50 0.65 -21.52
N THR A 190 -2.51 0.90 -20.64
CA THR A 190 -2.62 0.57 -19.21
C THR A 190 -2.38 1.76 -18.30
N MET A 191 -3.29 1.96 -17.31
CA MET A 191 -3.16 3.01 -16.28
C MET A 191 -2.12 2.52 -15.28
N LEU A 192 -0.91 3.12 -15.29
CA LEU A 192 0.19 2.70 -14.44
C LEU A 192 0.77 3.82 -13.54
N PRO A 193 1.17 3.48 -12.29
CA PRO A 193 1.72 4.52 -11.39
C PRO A 193 3.18 4.89 -11.69
N ILE A 194 3.41 5.56 -12.84
CA ILE A 194 4.72 5.98 -13.36
C ILE A 194 5.68 6.65 -12.38
N ARG A 195 5.18 7.49 -11.47
CA ARG A 195 5.97 8.21 -10.46
C ARG A 195 6.61 7.31 -9.39
N TRP A 196 6.11 6.06 -9.27
CA TRP A 196 6.58 5.04 -8.33
C TRP A 196 7.27 3.89 -9.08
N MET A 197 7.35 4.00 -10.42
CA MET A 197 7.88 2.95 -11.28
C MET A 197 9.32 3.12 -11.79
N PRO A 198 10.10 2.01 -11.86
CA PRO A 198 11.46 2.08 -12.41
C PRO A 198 11.45 2.17 -13.96
N PRO A 199 12.61 2.38 -14.64
CA PRO A 199 12.58 2.46 -16.12
C PRO A 199 12.05 1.22 -16.85
N GLU A 200 12.44 0.00 -16.43
CA GLU A 200 12.02 -1.25 -17.07
C GLU A 200 10.50 -1.52 -16.99
N SER A 201 9.84 -1.02 -15.93
CA SER A 201 8.41 -1.18 -15.74
C SER A 201 7.61 -0.23 -16.63
N ILE A 202 8.11 1.01 -16.82
CA ILE A 202 7.44 2.00 -17.68
C ILE A 202 7.63 1.62 -19.16
N MET A 203 8.87 1.38 -19.56
CA MET A 203 9.28 1.08 -20.93
C MET A 203 8.94 -0.32 -21.46
N TYR A 204 9.04 -1.36 -20.60
CA TYR A 204 8.82 -2.75 -21.03
C TYR A 204 7.72 -3.51 -20.28
N ARG A 205 7.12 -2.88 -19.26
CA ARG A 205 6.06 -3.45 -18.41
C ARG A 205 6.51 -4.70 -17.64
N LYS A 206 7.79 -4.69 -17.21
CA LYS A 206 8.42 -5.76 -16.43
C LYS A 206 8.28 -5.44 -14.95
N PHE A 207 7.48 -6.24 -14.24
CA PHE A 207 7.22 -6.06 -12.81
C PHE A 207 7.80 -7.23 -12.03
N THR A 208 8.74 -6.92 -11.11
CA THR A 208 9.46 -7.89 -10.28
C THR A 208 9.60 -7.38 -8.84
N THR A 209 10.31 -8.16 -7.99
CA THR A 209 10.65 -7.84 -6.60
C THR A 209 11.52 -6.56 -6.61
N GLU A 210 12.40 -6.43 -7.62
CA GLU A 210 13.31 -5.32 -7.84
C GLU A 210 12.56 -4.03 -8.21
N SER A 211 11.45 -4.15 -8.98
CA SER A 211 10.62 -3.00 -9.36
C SER A 211 9.81 -2.52 -8.15
N ASP A 212 9.49 -3.44 -7.22
CA ASP A 212 8.80 -3.15 -5.97
C ASP A 212 9.75 -2.41 -5.02
N VAL A 213 11.07 -2.72 -5.08
CA VAL A 213 12.14 -2.09 -4.30
C VAL A 213 12.22 -0.61 -4.67
N TRP A 214 12.20 -0.29 -6.00
CA TRP A 214 12.20 1.08 -6.52
C TRP A 214 11.01 1.84 -5.92
N SER A 215 9.81 1.22 -5.94
CA SER A 215 8.57 1.77 -5.39
C SER A 215 8.69 2.07 -3.90
N LEU A 216 9.38 1.19 -3.13
CA LEU A 216 9.61 1.38 -1.70
C LEU A 216 10.46 2.62 -1.43
N GLY A 217 11.47 2.86 -2.27
CA GLY A 217 12.32 4.04 -2.19
C GLY A 217 11.51 5.31 -2.34
N VAL A 218 10.52 5.28 -3.25
CA VAL A 218 9.58 6.36 -3.52
C VAL A 218 8.60 6.50 -2.34
N VAL A 219 8.19 5.36 -1.72
CA VAL A 219 7.31 5.31 -0.55
C VAL A 219 8.05 5.98 0.63
N LEU A 220 9.37 5.71 0.78
CA LEU A 220 10.22 6.32 1.80
C LEU A 220 10.25 7.83 1.59
N TRP A 221 10.38 8.28 0.31
CA TRP A 221 10.38 9.70 -0.07
C TRP A 221 9.05 10.35 0.34
N GLU A 222 7.91 9.65 0.13
CA GLU A 222 6.56 10.12 0.48
C GLU A 222 6.42 10.34 1.99
N ILE A 223 6.88 9.35 2.81
CA ILE A 223 6.82 9.39 4.27
C ILE A 223 7.57 10.61 4.82
N PHE A 224 8.82 10.83 4.36
CA PHE A 224 9.67 11.93 4.78
C PHE A 224 9.30 13.32 4.20
N THR A 225 8.36 13.36 3.24
CA THR A 225 7.85 14.62 2.64
C THR A 225 6.41 14.90 3.04
N TYR A 226 5.88 14.17 4.04
CA TYR A 226 4.52 14.29 4.59
C TYR A 226 3.41 13.95 3.57
N GLY A 227 3.67 12.95 2.73
CA GLY A 227 2.72 12.46 1.74
C GLY A 227 2.61 13.22 0.44
N LYS A 228 3.59 14.11 0.15
CA LYS A 228 3.61 14.89 -1.09
C LYS A 228 3.81 13.98 -2.31
N GLN A 229 3.22 14.35 -3.45
CA GLN A 229 3.34 13.56 -4.69
C GLN A 229 4.77 13.63 -5.23
N PRO A 230 5.40 12.46 -5.52
CA PRO A 230 6.77 12.47 -6.05
C PRO A 230 6.80 13.12 -7.43
N TRP A 231 7.85 13.94 -7.69
CA TRP A 231 8.07 14.72 -8.91
C TRP A 231 6.86 15.68 -9.18
N TYR A 232 6.27 16.26 -8.09
CA TYR A 232 5.11 17.16 -8.17
C TYR A 232 5.29 18.36 -9.11
N GLN A 233 6.53 18.83 -9.25
CA GLN A 233 6.92 19.96 -10.11
C GLN A 233 6.83 19.60 -11.60
N LEU A 234 6.85 18.28 -11.92
CA LEU A 234 6.88 17.77 -13.30
C LEU A 234 5.57 17.23 -13.83
N SER A 235 5.43 17.27 -15.16
CA SER A 235 4.32 16.68 -15.90
C SER A 235 4.71 15.21 -16.11
N ASN A 236 3.74 14.34 -16.48
CA ASN A 236 3.97 12.91 -16.71
C ASN A 236 5.12 12.58 -17.66
N ASN A 237 5.29 13.36 -18.75
CA ASN A 237 6.36 13.21 -19.74
C ASN A 237 7.74 13.51 -19.12
N GLU A 238 7.83 14.59 -18.31
CA GLU A 238 9.06 15.01 -17.64
C GLU A 238 9.48 13.99 -16.57
N VAL A 239 8.51 13.33 -15.92
CA VAL A 239 8.71 12.29 -14.90
C VAL A 239 9.47 11.10 -15.54
N ILE A 240 8.95 10.57 -16.66
CA ILE A 240 9.56 9.45 -17.39
C ILE A 240 10.95 9.81 -17.89
N GLU A 241 11.13 11.06 -18.40
CA GLU A 241 12.44 11.57 -18.86
C GLU A 241 13.47 11.50 -17.74
N CYS A 242 13.13 12.01 -16.54
CA CYS A 242 13.99 12.00 -15.35
C CYS A 242 14.36 10.57 -14.89
N ILE A 243 13.36 9.66 -14.87
CA ILE A 243 13.53 8.26 -14.47
C ILE A 243 14.44 7.51 -15.46
N THR A 244 14.20 7.69 -16.78
CA THR A 244 14.97 7.04 -17.84
C THR A 244 16.38 7.63 -18.05
N GLN A 245 16.57 8.94 -17.79
CA GLN A 245 17.87 9.60 -17.96
C GLN A 245 18.81 9.46 -16.75
N GLY A 246 18.24 9.16 -15.59
CA GLY A 246 19.03 8.97 -14.36
C GLY A 246 18.96 10.08 -13.34
N ARG A 247 17.96 10.96 -13.44
CA ARG A 247 17.74 12.05 -12.47
C ARG A 247 16.94 11.46 -11.31
N VAL A 248 17.31 11.84 -10.06
CA VAL A 248 16.66 11.30 -8.85
C VAL A 248 15.88 12.36 -8.06
N LEU A 249 14.92 11.90 -7.23
CA LEU A 249 14.13 12.75 -6.34
C LEU A 249 15.05 13.41 -5.31
N GLN A 250 14.74 14.67 -4.94
CA GLN A 250 15.52 15.44 -3.98
C GLN A 250 15.46 14.83 -2.58
N ARG A 251 16.52 15.05 -1.78
CA ARG A 251 16.59 14.56 -0.41
C ARG A 251 15.60 15.34 0.47
N PRO A 252 14.62 14.67 1.10
CA PRO A 252 13.67 15.39 1.98
C PRO A 252 14.40 16.01 3.18
N ARG A 253 13.96 17.21 3.61
CA ARG A 253 14.54 17.98 4.72
C ARG A 253 14.61 17.18 6.04
N THR A 254 13.54 16.41 6.35
CA THR A 254 13.44 15.61 7.57
C THR A 254 14.08 14.21 7.46
N CYS A 255 14.61 13.87 6.27
CA CYS A 255 15.21 12.57 6.01
C CYS A 255 16.69 12.46 6.41
N PRO A 256 17.08 11.44 7.21
CA PRO A 256 18.51 11.27 7.55
C PRO A 256 19.31 10.78 6.34
N GLN A 257 20.61 11.14 6.28
CA GLN A 257 21.50 10.79 5.17
C GLN A 257 21.59 9.28 4.89
N GLU A 258 21.50 8.44 5.94
CA GLU A 258 21.51 6.98 5.86
C GLU A 258 20.28 6.48 5.09
N VAL A 259 19.10 7.09 5.37
CA VAL A 259 17.81 6.74 4.75
C VAL A 259 17.78 7.18 3.28
N TYR A 260 18.32 8.39 2.97
CA TYR A 260 18.37 8.88 1.58
C TYR A 260 19.30 8.05 0.71
N GLU A 261 20.43 7.59 1.28
CA GLU A 261 21.40 6.74 0.58
C GLU A 261 20.80 5.36 0.32
N LEU A 262 19.85 4.94 1.18
CA LEU A 262 19.10 3.70 1.05
C LEU A 262 18.08 3.87 -0.09
N MET A 263 17.47 5.08 -0.20
CA MET A 263 16.52 5.43 -1.27
C MET A 263 17.26 5.38 -2.63
N LEU A 264 18.51 5.91 -2.67
CA LEU A 264 19.36 5.92 -3.87
C LEU A 264 19.70 4.50 -4.32
N GLY A 265 19.85 3.59 -3.35
CA GLY A 265 20.12 2.17 -3.58
C GLY A 265 18.94 1.47 -4.24
N CYS A 266 17.71 1.95 -3.93
CA CYS A 266 16.46 1.45 -4.52
C CYS A 266 16.29 2.00 -5.94
N TRP A 267 16.89 3.18 -6.21
CA TRP A 267 16.78 3.86 -7.50
C TRP A 267 17.88 3.60 -8.53
N GLN A 268 18.51 2.41 -8.48
CA GLN A 268 19.53 1.99 -9.45
C GLN A 268 18.83 1.64 -10.76
N ARG A 269 19.41 2.08 -11.91
CA ARG A 269 18.85 1.82 -13.25
C ARG A 269 18.67 0.33 -13.50
N GLU A 270 19.73 -0.46 -13.26
CA GLU A 270 19.73 -1.91 -13.44
C GLU A 270 18.91 -2.57 -12.31
N PRO A 271 17.87 -3.39 -12.64
CA PRO A 271 17.06 -4.03 -11.59
C PRO A 271 17.87 -4.84 -10.57
N HIS A 272 18.83 -5.66 -11.04
CA HIS A 272 19.67 -6.48 -10.16
C HIS A 272 20.83 -5.77 -9.45
N MET A 273 20.94 -4.43 -9.61
CA MET A 273 21.94 -3.62 -8.94
C MET A 273 21.32 -2.91 -7.73
N ARG A 274 19.99 -3.05 -7.56
CA ARG A 274 19.22 -2.46 -6.46
C ARG A 274 19.41 -3.21 -5.16
N LYS A 275 19.33 -2.47 -4.03
CA LYS A 275 19.47 -3.01 -2.68
C LYS A 275 18.38 -4.04 -2.40
N ASN A 276 18.74 -5.16 -1.75
CA ASN A 276 17.79 -6.23 -1.42
C ASN A 276 16.85 -5.81 -0.30
N ILE A 277 15.59 -6.25 -0.37
CA ILE A 277 14.52 -5.96 0.59
C ILE A 277 14.86 -6.29 2.06
N LYS A 278 15.56 -7.42 2.30
CA LYS A 278 15.98 -7.85 3.63
C LYS A 278 16.97 -6.85 4.25
N GLY A 279 17.89 -6.35 3.44
CA GLY A 279 18.89 -5.36 3.82
C GLY A 279 18.28 -4.01 4.12
N ILE A 280 17.26 -3.61 3.33
CA ILE A 280 16.51 -2.35 3.49
C ILE A 280 15.76 -2.38 4.83
N HIS A 281 15.02 -3.47 5.11
CA HIS A 281 14.27 -3.67 6.35
C HIS A 281 15.16 -3.68 7.59
N THR A 282 16.29 -4.43 7.55
CA THR A 282 17.26 -4.54 8.65
C THR A 282 17.76 -3.15 9.07
N LEU A 283 18.14 -2.30 8.09
CA LEU A 283 18.61 -0.94 8.35
C LEU A 283 17.50 -0.06 8.95
N LEU A 284 16.28 -0.09 8.36
CA LEU A 284 15.13 0.69 8.84
C LEU A 284 14.69 0.27 10.23
N GLN A 285 14.72 -1.04 10.53
CA GLN A 285 14.35 -1.62 11.84
C GLN A 285 15.32 -1.15 12.92
N ASN A 286 16.65 -1.12 12.60
CA ASN A 286 17.71 -0.69 13.50
C ASN A 286 17.63 0.81 13.82
N LEU A 287 17.32 1.64 12.82
CA LEU A 287 17.20 3.10 12.98
C LEU A 287 15.93 3.47 13.74
N ALA A 288 14.82 2.72 13.51
CA ALA A 288 13.54 2.93 14.18
C ALA A 288 13.63 2.57 15.67
N LYS A 289 14.46 1.56 16.01
CA LYS A 289 14.68 1.13 17.40
C LYS A 289 15.59 2.16 18.11
N ALA A 290 16.52 2.78 17.35
CA ALA A 290 17.44 3.81 17.86
C ALA A 290 16.72 5.13 18.11
N SER A 291 15.62 5.39 17.37
CA SER A 291 14.78 6.58 17.50
C SER A 291 13.32 6.10 17.68
N PRO A 292 12.94 5.60 18.88
CA PRO A 292 11.57 5.07 19.05
C PRO A 292 10.47 6.11 19.20
N VAL A 293 9.23 5.68 19.07
CA VAL A 293 8.06 6.52 19.17
C VAL A 293 7.56 6.55 20.60
N TYR A 294 7.46 7.75 21.16
CA TYR A 294 6.94 7.95 22.51
C TYR A 294 6.05 9.17 22.72
N LEU A 295 6.06 10.09 21.78
CA LEU A 295 5.27 11.31 21.87
C LEU A 295 3.81 11.14 21.48
N ASP A 296 2.94 11.94 22.08
CA ASP A 296 1.51 11.90 21.79
C ASP A 296 1.22 12.37 20.35
N ILE A 297 0.34 11.64 19.65
CA ILE A 297 -0.06 11.94 18.27
C ILE A 297 -1.52 12.40 18.26
N LEU A 298 -1.75 13.64 17.77
CA LEU A 298 -3.08 14.24 17.69
C LEU A 298 -3.47 14.48 16.22
N GLY A 299 -4.76 14.31 15.94
CA GLY A 299 -5.33 14.49 14.61
C GLY A 299 -6.05 15.81 14.42
#